data_9K8R
#
_entry.id   9K8R
#
_cell.length_a   123.285
_cell.length_b   123.285
_cell.length_c   98.611
_cell.angle_alpha   90.00
_cell.angle_beta   90.00
_cell.angle_gamma   120.00
#
_symmetry.space_group_name_H-M   'P 32 1 2'
#
loop_
_entity.id
_entity.type
_entity.pdbx_description
1 polymer Spm14
2 non-polymer 'NADP NICOTINAMIDE-ADENINE-DINUCLEOTIDE PHOSPHATE'
3 non-polymer 2-AMINO-2-HYDROXYMETHYL-PROPANE-1,3-DIOL
#
_entity_poly.entity_id   1
_entity_poly.type   'polypeptide(L)'
_entity_poly.pdbx_seq_one_letter_code
;MGSSIAPSLAVADLFNVNGLVAVVTGGATGIGLMMVRALEENGAKVYIVGRRKEVLEKVAKNEAKHGNIIPLQGDASSKD
DLERIVAHITKETGYINLLVANAGIPGPAPIKMSPSSSLADIQKDLWNTDPAEFEHIFNVHVRGAYFSFAAFLPLLSAGN
EKGNVPQSSQMIITGSIGAFGRVPLAHYAYSASKAGVTHMAKQLATAFTKYGIRFNVIAPGLYPSEMTEEIVKGTHQLTP
DEYAMKVSPLGRPGNDEDVAGCILWLASKAGAWVSGNVLVTDGGKLGLVPSSY
;
_entity_poly.pdbx_strand_id   A,B
#
# COMPACT_ATOMS: atom_id res chain seq x y z
N ALA A 6 -6.72 2.36 -22.36
CA ALA A 6 -8.13 2.80 -22.31
C ALA A 6 -8.66 2.63 -20.89
N PRO A 7 -9.67 3.41 -20.45
CA PRO A 7 -10.16 3.35 -19.07
C PRO A 7 -10.83 2.01 -18.74
N SER A 8 -10.19 0.90 -19.10
CA SER A 8 -10.70 -0.43 -18.74
C SER A 8 -10.45 -0.62 -17.26
N LEU A 9 -11.50 -0.55 -16.45
CA LEU A 9 -11.38 -0.79 -15.00
C LEU A 9 -11.62 -2.27 -14.77
N ALA A 10 -10.99 -3.12 -15.57
CA ALA A 10 -11.18 -4.58 -15.47
C ALA A 10 -9.92 -5.23 -14.93
N VAL A 11 -10.08 -6.11 -13.96
CA VAL A 11 -8.91 -6.73 -13.29
C VAL A 11 -7.92 -7.23 -14.35
N ALA A 12 -8.40 -7.85 -15.42
CA ALA A 12 -7.45 -8.42 -16.36
C ALA A 12 -6.73 -7.36 -17.16
N ASP A 13 -7.32 -6.18 -17.31
CA ASP A 13 -6.67 -5.09 -18.02
C ASP A 13 -5.80 -4.25 -17.09
N LEU A 14 -6.28 -3.99 -15.88
CA LEU A 14 -5.55 -3.17 -14.92
C LEU A 14 -4.28 -3.86 -14.44
N PHE A 15 -4.40 -5.12 -14.02
CA PHE A 15 -3.38 -5.78 -13.24
C PHE A 15 -2.50 -6.73 -14.04
N ASN A 16 -2.67 -6.84 -15.35
CA ASN A 16 -1.75 -7.69 -16.09
C ASN A 16 -0.39 -7.01 -16.21
N VAL A 17 0.65 -7.84 -16.37
CA VAL A 17 2.01 -7.35 -16.49
C VAL A 17 2.60 -7.86 -17.80
N ASN A 18 1.76 -7.95 -18.84
CA ASN A 18 2.18 -8.49 -20.12
C ASN A 18 3.27 -7.63 -20.74
N GLY A 19 4.40 -8.25 -21.07
CA GLY A 19 5.51 -7.53 -21.68
C GLY A 19 6.41 -6.80 -20.71
N LEU A 20 6.05 -6.79 -19.43
CA LEU A 20 6.91 -6.20 -18.41
C LEU A 20 8.20 -7.00 -18.29
N VAL A 21 9.34 -6.31 -18.32
CA VAL A 21 10.64 -6.94 -18.10
C VAL A 21 11.09 -6.60 -16.68
N ALA A 22 11.26 -7.63 -15.86
CA ALA A 22 11.53 -7.45 -14.44
C ALA A 22 12.78 -8.20 -14.02
N VAL A 23 13.39 -7.72 -12.93
CA VAL A 23 14.54 -8.35 -12.30
C VAL A 23 14.26 -8.48 -10.80
N VAL A 24 14.45 -9.69 -10.27
CA VAL A 24 14.16 -9.98 -8.88
C VAL A 24 15.38 -10.65 -8.28
N THR A 25 16.08 -9.95 -7.39
CA THR A 25 17.13 -10.58 -6.62
C THR A 25 16.50 -11.46 -5.53
N GLY A 26 17.15 -12.59 -5.25
CA GLY A 26 16.54 -13.53 -4.34
C GLY A 26 15.25 -14.10 -4.86
N GLY A 27 15.12 -14.22 -6.18
CA GLY A 27 13.88 -14.62 -6.81
C GLY A 27 13.61 -16.10 -6.86
N ALA A 28 14.44 -16.93 -6.22
CA ALA A 28 14.31 -18.37 -6.34
C ALA A 28 13.89 -19.06 -5.05
N THR A 29 13.69 -18.32 -3.96
CA THR A 29 13.20 -18.90 -2.71
C THR A 29 12.28 -17.91 -2.01
N GLY A 30 11.41 -18.48 -1.17
CA GLY A 30 10.61 -17.69 -0.25
C GLY A 30 9.79 -16.62 -0.93
N ILE A 31 9.85 -15.41 -0.37
CA ILE A 31 9.03 -14.30 -0.86
C ILE A 31 9.37 -13.98 -2.31
N GLY A 32 10.66 -13.82 -2.62
CA GLY A 32 11.06 -13.54 -3.99
C GLY A 32 10.50 -14.52 -5.00
N LEU A 33 10.36 -15.79 -4.60
CA LEU A 33 9.80 -16.78 -5.52
C LEU A 33 8.33 -16.51 -5.78
N MET A 34 7.55 -16.25 -4.74
CA MET A 34 6.13 -15.93 -4.91
C MET A 34 5.94 -14.72 -5.81
N MET A 35 6.91 -13.82 -5.81
CA MET A 35 6.85 -12.65 -6.70
C MET A 35 7.04 -13.06 -8.16
N VAL A 36 8.08 -13.83 -8.44
CA VAL A 36 8.37 -14.16 -9.86
C VAL A 36 7.28 -15.08 -10.41
N ARG A 37 6.70 -15.92 -9.57
CA ARG A 37 5.68 -16.88 -10.03
C ARG A 37 4.43 -16.14 -10.45
N ALA A 38 4.17 -15.01 -9.83
CA ALA A 38 2.97 -14.21 -10.15
C ALA A 38 3.31 -13.26 -11.29
N LEU A 39 4.53 -12.74 -11.29
CA LEU A 39 4.84 -11.88 -12.44
C LEU A 39 4.85 -12.67 -13.73
N GLU A 40 5.44 -13.86 -13.71
CA GLU A 40 5.61 -14.64 -14.94
C GLU A 40 4.30 -15.27 -15.39
N GLU A 41 3.52 -15.77 -14.43
CA GLU A 41 2.21 -16.35 -14.75
C GLU A 41 1.30 -15.33 -15.38
N ASN A 42 1.49 -14.05 -15.08
CA ASN A 42 0.63 -12.98 -15.57
C ASN A 42 1.32 -12.11 -16.63
N GLY A 43 2.33 -12.66 -17.29
CA GLY A 43 2.78 -12.16 -18.58
C GLY A 43 4.17 -11.55 -18.64
N ALA A 44 4.98 -11.59 -17.59
CA ALA A 44 6.24 -10.87 -17.61
C ALA A 44 7.40 -11.79 -17.96
N LYS A 45 8.51 -11.17 -18.34
CA LYS A 45 9.81 -11.83 -18.46
C LYS A 45 10.60 -11.43 -17.22
N VAL A 46 11.01 -12.41 -16.43
CA VAL A 46 11.55 -12.17 -15.10
C VAL A 46 12.95 -12.78 -15.02
N TYR A 47 13.97 -11.94 -14.89
CA TYR A 47 15.29 -12.39 -14.48
C TYR A 47 15.32 -12.58 -12.97
N ILE A 48 15.77 -13.76 -12.54
CA ILE A 48 15.98 -14.03 -11.13
C ILE A 48 17.48 -14.10 -10.90
N VAL A 49 17.96 -13.41 -9.87
CA VAL A 49 19.38 -13.32 -9.59
C VAL A 49 19.64 -13.90 -8.21
N GLY A 50 20.48 -14.93 -8.15
CA GLY A 50 20.86 -15.53 -6.90
C GLY A 50 22.32 -15.92 -6.94
N ARG A 51 22.85 -16.48 -5.87
CA ARG A 51 24.26 -16.92 -5.94
C ARG A 51 24.26 -18.43 -6.22
N ARG A 52 23.32 -19.15 -5.62
CA ARG A 52 23.25 -20.59 -5.86
C ARG A 52 22.62 -20.85 -7.22
N LYS A 53 23.47 -21.03 -8.25
CA LYS A 53 22.97 -21.14 -9.62
C LYS A 53 22.03 -22.33 -9.80
N GLU A 54 22.29 -23.43 -9.09
CA GLU A 54 21.44 -24.61 -9.25
C GLU A 54 20.03 -24.39 -8.68
N VAL A 55 19.86 -23.46 -7.74
CA VAL A 55 18.52 -23.18 -7.25
C VAL A 55 17.76 -22.32 -8.25
N LEU A 56 18.44 -21.32 -8.83
CA LEU A 56 17.87 -20.57 -9.95
C LEU A 56 17.45 -21.47 -11.09
N GLU A 57 18.22 -22.50 -11.42
CA GLU A 57 17.86 -23.29 -12.63
C GLU A 57 16.58 -24.10 -12.39
N LYS A 58 16.46 -24.73 -11.23
CA LYS A 58 15.24 -25.49 -10.91
C LYS A 58 14.02 -24.59 -11.06
N VAL A 59 13.99 -23.52 -10.29
CA VAL A 59 12.84 -22.57 -10.34
C VAL A 59 12.57 -22.19 -11.80
N ALA A 60 13.62 -21.89 -12.56
CA ALA A 60 13.34 -21.39 -13.90
C ALA A 60 12.73 -22.47 -14.78
N LYS A 61 13.08 -23.73 -14.57
CA LYS A 61 12.53 -24.79 -15.40
C LYS A 61 11.19 -25.28 -14.91
N ASN A 62 11.00 -25.29 -13.61
CA ASN A 62 9.94 -26.04 -12.95
C ASN A 62 8.77 -25.16 -12.52
N GLU A 63 9.05 -23.90 -12.18
CA GLU A 63 8.04 -23.01 -11.61
C GLU A 63 7.45 -22.05 -12.62
N ALA A 64 8.12 -21.86 -13.76
CA ALA A 64 7.55 -21.09 -14.85
C ALA A 64 6.30 -21.80 -15.39
N LYS A 65 5.37 -21.00 -15.92
CA LYS A 65 4.21 -21.52 -16.62
C LYS A 65 4.23 -21.14 -18.09
N HIS A 66 5.17 -20.28 -18.49
CA HIS A 66 5.33 -19.85 -19.87
C HIS A 66 6.79 -19.84 -20.29
N GLY A 67 7.69 -20.32 -19.43
CA GLY A 67 9.11 -20.29 -19.73
C GLY A 67 9.69 -18.91 -19.83
N ASN A 68 9.31 -18.00 -18.93
CA ASN A 68 9.83 -16.65 -18.94
C ASN A 68 10.60 -16.31 -17.68
N ILE A 69 11.01 -17.30 -16.89
CA ILE A 69 11.96 -17.09 -15.80
C ILE A 69 13.35 -17.38 -16.35
N ILE A 70 14.16 -16.34 -16.48
CA ILE A 70 15.53 -16.45 -16.99
C ILE A 70 16.51 -16.42 -15.83
N PRO A 71 17.08 -17.56 -15.44
CA PRO A 71 18.01 -17.57 -14.30
C PRO A 71 19.34 -16.94 -14.69
N LEU A 72 19.97 -16.29 -13.71
CA LEU A 72 21.12 -15.44 -13.98
C LEU A 72 21.87 -15.29 -12.66
N GLN A 73 22.92 -16.09 -12.47
CA GLN A 73 23.63 -16.12 -11.20
C GLN A 73 24.43 -14.84 -10.98
N GLY A 74 24.40 -14.35 -9.75
CA GLY A 74 25.18 -13.20 -9.35
C GLY A 74 25.05 -12.90 -7.87
N ASP A 75 25.99 -12.11 -7.35
CA ASP A 75 25.97 -11.66 -5.96
C ASP A 75 25.48 -10.22 -6.01
N ALA A 76 24.22 -10.01 -5.62
CA ALA A 76 23.59 -8.70 -5.74
C ALA A 76 24.28 -7.64 -4.88
N SER A 77 25.06 -8.05 -3.88
CA SER A 77 25.84 -7.10 -3.08
C SER A 77 27.19 -6.77 -3.70
N SER A 78 27.71 -7.63 -4.58
CA SER A 78 29.04 -7.43 -5.18
C SER A 78 28.94 -6.42 -6.32
N LYS A 79 29.66 -5.30 -6.18
CA LYS A 79 29.59 -4.23 -7.17
C LYS A 79 30.01 -4.72 -8.55
N ASP A 80 30.82 -5.77 -8.62
CA ASP A 80 31.34 -6.21 -9.90
C ASP A 80 30.46 -7.29 -10.53
N ASP A 81 29.82 -8.14 -9.73
CA ASP A 81 28.83 -9.05 -10.29
C ASP A 81 27.64 -8.28 -10.88
N LEU A 82 27.25 -7.18 -10.23
CA LEU A 82 26.18 -6.36 -10.79
C LEU A 82 26.56 -5.84 -12.16
N GLU A 83 27.83 -5.45 -12.33
CA GLU A 83 28.29 -4.93 -13.61
C GLU A 83 28.17 -5.97 -14.71
N ARG A 84 28.50 -7.23 -14.41
CA ARG A 84 28.40 -8.28 -15.42
C ARG A 84 26.95 -8.68 -15.66
N ILE A 85 26.10 -8.59 -14.65
CA ILE A 85 24.67 -8.95 -14.82
C ILE A 85 24.01 -7.91 -15.72
N VAL A 86 24.24 -6.63 -15.43
CA VAL A 86 23.60 -5.55 -16.22
C VAL A 86 23.94 -5.76 -17.69
N ALA A 87 25.20 -6.06 -17.99
CA ALA A 87 25.65 -6.22 -19.40
C ALA A 87 24.86 -7.34 -20.09
N HIS A 88 24.78 -8.50 -19.47
CA HIS A 88 24.02 -9.62 -20.07
C HIS A 88 22.65 -9.11 -20.47
N ILE A 89 21.99 -8.38 -19.59
CA ILE A 89 20.60 -7.92 -19.87
C ILE A 89 20.67 -6.82 -20.93
N THR A 90 21.72 -6.02 -20.92
CA THR A 90 21.80 -4.88 -21.88
C THR A 90 21.96 -5.46 -23.28
N LYS A 91 22.42 -6.70 -23.38
CA LYS A 91 22.64 -7.34 -24.70
C LYS A 91 21.40 -8.14 -25.03
N GLU A 92 21.09 -9.11 -24.19
CA GLU A 92 19.96 -10.01 -24.46
C GLU A 92 18.65 -9.25 -24.53
N THR A 93 18.52 -8.13 -23.82
CA THR A 93 17.18 -7.55 -23.81
C THR A 93 17.17 -6.04 -24.04
N GLY A 94 18.13 -5.31 -23.48
CA GLY A 94 18.31 -3.91 -23.78
C GLY A 94 17.68 -2.94 -22.81
N TYR A 95 16.75 -3.40 -21.99
CA TYR A 95 16.02 -2.57 -21.04
C TYR A 95 15.39 -3.47 -19.98
N ILE A 96 15.10 -2.87 -18.82
CA ILE A 96 14.16 -3.48 -17.89
C ILE A 96 13.18 -2.40 -17.45
N ASN A 97 12.05 -2.85 -16.92
CA ASN A 97 11.02 -1.95 -16.42
C ASN A 97 10.94 -1.93 -14.90
N LEU A 98 11.45 -2.95 -14.23
CA LEU A 98 11.19 -3.14 -12.81
C LEU A 98 12.38 -3.86 -12.19
N LEU A 99 13.02 -3.23 -11.23
CA LEU A 99 14.03 -3.86 -10.40
C LEU A 99 13.44 -4.12 -9.02
N VAL A 100 13.56 -5.36 -8.54
CA VAL A 100 13.04 -5.74 -7.24
C VAL A 100 14.22 -6.21 -6.39
N ALA A 101 14.62 -5.38 -5.43
CA ALA A 101 15.71 -5.70 -4.51
C ALA A 101 15.10 -6.47 -3.34
N ASN A 102 15.04 -7.79 -3.49
CA ASN A 102 14.45 -8.67 -2.49
C ASN A 102 15.47 -9.50 -1.73
N ALA A 103 16.71 -9.60 -2.21
CA ALA A 103 17.70 -10.42 -1.54
C ALA A 103 17.91 -9.98 -0.10
N GLY A 104 18.05 -10.94 0.80
CA GLY A 104 18.19 -10.64 2.21
C GLY A 104 18.77 -11.79 2.95
N ILE A 105 19.45 -11.48 4.07
CA ILE A 105 20.03 -12.47 4.96
C ILE A 105 19.45 -12.25 6.35
N PRO A 106 19.38 -13.27 7.20
CA PRO A 106 19.11 -13.02 8.61
C PRO A 106 20.35 -12.49 9.31
N GLY A 107 20.12 -11.77 10.39
CA GLY A 107 21.21 -11.08 11.04
C GLY A 107 22.16 -12.02 11.74
N PRO A 108 22.98 -11.45 12.61
CA PRO A 108 23.62 -12.27 13.64
C PRO A 108 22.57 -12.97 14.50
N ALA A 109 22.99 -13.87 15.37
CA ALA A 109 22.04 -14.53 16.25
C ALA A 109 21.37 -13.49 17.15
N PRO A 110 20.06 -13.61 17.36
CA PRO A 110 19.36 -12.63 18.21
C PRO A 110 19.84 -12.70 19.65
N ILE A 111 19.65 -11.60 20.36
CA ILE A 111 20.11 -11.56 21.77
C ILE A 111 18.95 -12.09 22.60
N LYS A 112 19.17 -13.23 23.24
CA LYS A 112 18.09 -13.88 24.02
C LYS A 112 17.88 -13.08 25.30
N MET A 113 16.63 -12.69 25.54
CA MET A 113 16.33 -11.99 26.82
C MET A 113 15.19 -12.77 27.49
N SER A 114 15.54 -13.87 28.15
CA SER A 114 14.51 -14.73 28.80
C SER A 114 14.28 -14.21 30.21
N PRO A 115 13.05 -14.27 30.74
CA PRO A 115 12.79 -13.68 32.06
C PRO A 115 13.74 -14.14 33.14
N SER A 116 14.39 -15.30 32.94
CA SER A 116 15.37 -15.82 33.87
C SER A 116 16.79 -15.58 33.39
N SER A 117 17.02 -14.48 32.67
CA SER A 117 18.36 -14.02 32.31
C SER A 117 18.68 -12.83 33.19
N SER A 118 19.80 -12.89 33.90
CA SER A 118 20.27 -11.70 34.59
C SER A 118 20.80 -10.70 33.57
N LEU A 119 20.94 -9.44 34.00
CA LEU A 119 21.52 -8.45 33.10
C LEU A 119 22.97 -8.79 32.80
N ALA A 120 23.67 -9.38 33.78
CA ALA A 120 25.04 -9.84 33.54
C ALA A 120 25.08 -10.85 32.41
N ASP A 121 24.08 -11.73 32.33
CA ASP A 121 24.05 -12.72 31.26
C ASP A 121 23.73 -12.07 29.92
N ILE A 122 22.82 -11.09 29.92
CA ILE A 122 22.41 -10.48 28.65
C ILE A 122 23.53 -9.68 28.01
N GLN A 123 24.48 -9.14 28.79
CA GLN A 123 25.63 -8.55 28.12
C GLN A 123 26.47 -9.65 27.48
N LYS A 124 26.70 -10.76 28.21
CA LYS A 124 27.45 -11.87 27.64
C LYS A 124 26.99 -12.13 26.21
N ASP A 125 25.69 -12.35 26.04
CA ASP A 125 25.01 -12.34 24.74
C ASP A 125 25.37 -11.15 23.85
N LEU A 126 25.06 -9.93 24.32
CA LEU A 126 25.24 -8.73 23.51
C LEU A 126 26.67 -8.62 22.98
N TRP A 127 27.64 -8.84 23.87
CA TRP A 127 29.03 -8.63 23.48
C TRP A 127 29.53 -9.73 22.54
N ASN A 128 28.93 -10.92 22.61
CA ASN A 128 29.37 -12.03 21.75
C ASN A 128 29.16 -11.75 20.28
N THR A 129 28.17 -10.94 19.93
CA THR A 129 27.84 -10.67 18.54
C THR A 129 29.08 -10.36 17.72
N ASP A 130 29.21 -11.02 16.59
CA ASP A 130 30.41 -10.90 15.79
C ASP A 130 30.39 -9.62 14.95
N PRO A 131 31.45 -8.80 14.97
CA PRO A 131 31.45 -7.56 14.20
C PRO A 131 31.31 -7.71 12.69
N ALA A 132 31.44 -8.93 12.18
CA ALA A 132 31.43 -9.13 10.71
C ALA A 132 30.04 -9.53 10.26
N GLU A 133 29.33 -10.24 11.11
CA GLU A 133 27.94 -10.61 10.78
C GLU A 133 27.12 -9.32 10.77
N PHE A 134 27.52 -8.39 11.60
CA PHE A 134 26.88 -7.13 11.72
C PHE A 134 27.16 -6.44 10.45
N GLU A 135 28.39 -5.95 10.32
CA GLU A 135 28.84 -5.23 9.14
C GLU A 135 28.42 -5.90 7.84
N HIS A 136 27.94 -7.14 7.92
CA HIS A 136 27.54 -7.82 6.73
C HIS A 136 26.10 -7.73 6.49
N ILE A 137 25.27 -7.75 7.50
CA ILE A 137 23.86 -7.64 7.12
C ILE A 137 23.58 -6.31 6.43
N PHE A 138 24.36 -5.29 6.76
CA PHE A 138 24.17 -3.97 6.20
C PHE A 138 24.63 -3.88 4.76
N ASN A 139 25.57 -4.74 4.36
CA ASN A 139 26.06 -4.70 2.99
C ASN A 139 25.05 -5.31 2.03
N VAL A 140 24.34 -6.33 2.48
CA VAL A 140 23.31 -6.95 1.66
C VAL A 140 22.08 -6.06 1.59
N HIS A 141 21.59 -5.62 2.75
CA HIS A 141 20.28 -4.97 2.78
C HIS A 141 20.33 -3.52 2.35
N VAL A 142 21.42 -2.80 2.60
CA VAL A 142 21.45 -1.37 2.32
C VAL A 142 22.41 -1.07 1.18
N ARG A 143 23.70 -1.29 1.43
CA ARG A 143 24.70 -1.15 0.39
C ARG A 143 24.31 -1.93 -0.87
N GLY A 144 23.88 -3.18 -0.67
CA GLY A 144 23.51 -4.01 -1.81
C GLY A 144 22.33 -3.46 -2.58
N ALA A 145 21.38 -2.84 -1.88
CA ALA A 145 20.26 -2.22 -2.58
C ALA A 145 20.73 -0.99 -3.37
N TYR A 146 21.55 -0.15 -2.73
CA TYR A 146 22.07 1.04 -3.41
C TYR A 146 22.75 0.69 -4.73
N PHE A 147 23.66 -0.27 -4.70
CA PHE A 147 24.44 -0.56 -5.89
C PHE A 147 23.61 -1.28 -6.94
N SER A 148 22.62 -2.07 -6.50
CA SER A 148 21.67 -2.64 -7.43
C SER A 148 20.96 -1.54 -8.21
N PHE A 149 20.54 -0.48 -7.52
CA PHE A 149 19.94 0.64 -8.23
C PHE A 149 20.96 1.33 -9.13
N ALA A 150 22.17 1.56 -8.62
CA ALA A 150 23.18 2.25 -9.42
C ALA A 150 23.51 1.45 -10.68
N ALA A 151 23.50 0.13 -10.58
CA ALA A 151 23.84 -0.70 -11.72
C ALA A 151 22.73 -0.69 -12.77
N PHE A 152 21.47 -0.84 -12.35
CA PHE A 152 20.41 -0.99 -13.35
C PHE A 152 19.82 0.33 -13.83
N LEU A 153 20.29 1.46 -13.33
CA LEU A 153 19.68 2.74 -13.68
C LEU A 153 19.68 3.03 -15.18
N PRO A 154 20.69 2.60 -15.98
CA PRO A 154 20.58 2.80 -17.43
C PRO A 154 19.48 1.94 -18.01
N LEU A 155 19.49 0.67 -17.58
CA LEU A 155 18.47 -0.28 -18.02
C LEU A 155 17.08 0.21 -17.64
N LEU A 156 16.95 0.79 -16.44
CA LEU A 156 15.66 1.33 -16.02
C LEU A 156 15.32 2.58 -16.82
N SER A 157 16.33 3.40 -17.13
CA SER A 157 16.09 4.56 -17.98
C SER A 157 15.70 4.14 -19.39
N ALA A 158 16.21 3.00 -19.86
CA ALA A 158 15.89 2.52 -21.20
C ALA A 158 14.45 2.02 -21.27
N GLY A 159 13.98 1.34 -20.23
CA GLY A 159 12.62 0.85 -20.24
C GLY A 159 11.60 1.96 -20.38
N ASN A 160 11.95 3.16 -19.91
CA ASN A 160 11.08 4.30 -20.12
C ASN A 160 11.05 4.71 -21.59
N GLU A 161 12.15 4.51 -22.30
CA GLU A 161 12.24 4.88 -23.71
C GLU A 161 11.56 3.85 -24.61
N LYS A 162 11.85 2.56 -24.41
CA LYS A 162 11.16 1.53 -25.20
C LYS A 162 9.65 1.64 -25.04
N GLY A 163 9.19 2.04 -23.86
CA GLY A 163 7.77 2.26 -23.67
C GLY A 163 6.93 1.05 -23.95
N ASN A 164 7.45 -0.14 -23.65
CA ASN A 164 6.64 -1.34 -23.79
C ASN A 164 5.53 -1.41 -22.75
N VAL A 165 5.61 -0.58 -21.71
CA VAL A 165 4.54 -0.50 -20.71
C VAL A 165 4.24 0.95 -20.42
N PRO A 166 2.99 1.24 -20.08
CA PRO A 166 2.61 2.64 -19.82
C PRO A 166 3.10 3.16 -18.48
N GLN A 167 3.27 2.27 -17.49
CA GLN A 167 3.77 2.70 -16.19
C GLN A 167 5.26 3.06 -16.28
N SER A 168 5.70 3.89 -15.35
CA SER A 168 7.09 4.27 -15.28
C SER A 168 7.95 3.07 -14.89
N SER A 169 9.24 3.16 -15.23
CA SER A 169 10.19 2.24 -14.65
C SER A 169 10.16 2.37 -13.13
N GLN A 170 10.50 1.29 -12.44
CA GLN A 170 10.27 1.25 -11.00
C GLN A 170 11.26 0.33 -10.32
N MET A 171 11.71 0.73 -9.14
CA MET A 171 12.46 -0.16 -8.25
C MET A 171 11.66 -0.40 -6.98
N ILE A 172 11.46 -1.67 -6.63
CA ILE A 172 10.83 -2.08 -5.39
C ILE A 172 11.90 -2.71 -4.50
N ILE A 173 11.78 -2.47 -3.19
CA ILE A 173 12.74 -2.93 -2.21
C ILE A 173 11.99 -3.68 -1.12
N THR A 174 12.42 -4.91 -0.84
CA THR A 174 11.80 -5.67 0.24
C THR A 174 12.42 -5.21 1.55
N GLY A 175 11.68 -4.43 2.30
CA GLY A 175 12.11 -4.05 3.63
C GLY A 175 11.66 -5.09 4.63
N SER A 176 11.05 -4.63 5.71
CA SER A 176 10.57 -5.50 6.76
C SER A 176 9.72 -4.64 7.68
N ILE A 177 8.75 -5.26 8.34
CA ILE A 177 8.10 -4.57 9.44
C ILE A 177 9.06 -4.42 10.61
N GLY A 178 10.19 -5.13 10.57
CA GLY A 178 11.26 -4.91 11.52
C GLY A 178 11.88 -3.54 11.42
N ALA A 179 11.63 -2.84 10.30
CA ALA A 179 12.05 -1.45 10.19
C ALA A 179 11.26 -0.52 11.10
N PHE A 180 10.12 -0.98 11.60
CA PHE A 180 9.31 -0.21 12.54
C PHE A 180 9.08 -0.92 13.87
N GLY A 181 9.03 -2.24 13.88
CA GLY A 181 8.87 -2.98 15.13
C GLY A 181 10.01 -2.70 16.08
N ARG A 182 9.65 -2.30 17.30
CA ARG A 182 10.66 -1.87 18.30
C ARG A 182 11.06 -3.03 19.20
N VAL A 183 10.37 -4.16 19.13
CA VAL A 183 10.85 -5.34 19.90
C VAL A 183 11.69 -6.18 18.94
N PRO A 184 13.01 -6.34 19.15
CA PRO A 184 13.80 -7.06 18.17
C PRO A 184 13.52 -8.55 18.25
N LEU A 185 13.02 -9.12 17.17
CA LEU A 185 12.82 -10.58 17.17
C LEU A 185 14.04 -11.18 16.48
N ALA A 186 14.87 -10.33 15.90
CA ALA A 186 16.14 -10.79 15.30
C ALA A 186 17.25 -10.01 16.00
N HIS A 187 18.39 -9.85 15.36
CA HIS A 187 19.40 -9.02 16.04
C HIS A 187 19.10 -7.57 15.72
N TYR A 188 19.54 -6.70 16.60
CA TYR A 188 19.37 -5.26 16.43
C TYR A 188 19.96 -4.86 15.08
N ALA A 189 20.79 -5.72 14.49
CA ALA A 189 21.42 -5.37 13.23
C ALA A 189 20.47 -5.54 12.06
N TYR A 190 19.68 -6.62 12.07
CA TYR A 190 18.70 -6.83 11.03
C TYR A 190 17.72 -5.67 10.98
N SER A 191 17.03 -5.43 12.09
CA SER A 191 16.07 -4.34 12.19
C SER A 191 16.70 -3.01 11.78
N ALA A 192 17.90 -2.74 12.26
CA ALA A 192 18.55 -1.46 11.95
C ALA A 192 18.88 -1.33 10.48
N SER A 193 19.22 -2.43 9.82
CA SER A 193 19.51 -2.36 8.38
C SER A 193 18.24 -2.14 7.58
N LYS A 194 17.14 -2.79 7.98
CA LYS A 194 15.87 -2.61 7.29
C LYS A 194 15.34 -1.19 7.46
N ALA A 195 15.44 -0.64 8.67
CA ALA A 195 15.14 0.77 8.88
C ALA A 195 15.99 1.65 7.98
N GLY A 196 17.27 1.31 7.84
CA GLY A 196 18.14 2.12 6.99
C GLY A 196 17.76 2.05 5.53
N VAL A 197 17.46 0.84 5.04
CA VAL A 197 17.13 0.72 3.63
C VAL A 197 15.76 1.32 3.36
N THR A 198 14.82 1.18 4.29
CA THR A 198 13.50 1.80 4.12
C THR A 198 13.64 3.30 3.95
N HIS A 199 14.52 3.93 4.73
CA HIS A 199 14.68 5.36 4.63
C HIS A 199 15.35 5.76 3.32
N MET A 200 16.42 5.05 2.95
CA MET A 200 17.07 5.30 1.68
C MET A 200 16.07 5.20 0.52
N ALA A 201 15.14 4.25 0.61
CA ALA A 201 14.12 4.11 -0.42
C ALA A 201 13.26 5.37 -0.54
N LYS A 202 12.84 5.92 0.62
CA LYS A 202 12.06 7.17 0.59
C LYS A 202 12.90 8.32 0.03
N GLN A 203 14.21 8.32 0.31
CA GLN A 203 15.09 9.35 -0.22
C GLN A 203 15.26 9.24 -1.73
N LEU A 204 15.22 8.01 -2.26
CA LEU A 204 15.39 7.80 -3.70
C LEU A 204 14.13 8.17 -4.46
N ALA A 205 12.96 7.89 -3.89
CA ALA A 205 11.72 8.37 -4.47
C ALA A 205 11.68 9.89 -4.49
N THR A 206 12.26 10.53 -3.47
CA THR A 206 12.33 11.98 -3.43
C THR A 206 13.25 12.51 -4.52
N ALA A 207 14.34 11.80 -4.80
CA ALA A 207 15.27 12.26 -5.82
C ALA A 207 14.78 11.93 -7.23
N PHE A 208 14.39 10.69 -7.46
CA PHE A 208 14.37 10.13 -8.81
C PHE A 208 12.98 9.91 -9.41
N THR A 209 11.91 10.15 -8.66
CA THR A 209 10.61 10.14 -9.33
C THR A 209 10.54 11.26 -10.36
N LYS A 210 11.13 12.43 -10.07
CA LYS A 210 11.11 13.47 -11.10
C LYS A 210 11.83 13.03 -12.35
N TYR A 211 12.70 12.03 -12.28
CA TYR A 211 13.33 11.50 -13.49
C TYR A 211 12.67 10.23 -14.00
N GLY A 212 11.52 9.87 -13.43
CA GLY A 212 10.76 8.75 -13.97
C GLY A 212 11.21 7.38 -13.52
N ILE A 213 11.76 7.27 -12.31
CA ILE A 213 12.00 5.97 -11.66
C ILE A 213 11.34 6.03 -10.29
N ARG A 214 10.20 5.36 -10.15
CA ARG A 214 9.48 5.35 -8.88
C ARG A 214 10.10 4.31 -7.96
N PHE A 215 10.10 4.61 -6.66
CA PHE A 215 10.60 3.71 -5.63
C PHE A 215 9.49 3.40 -4.63
N ASN A 216 9.36 2.12 -4.28
CA ASN A 216 8.39 1.69 -3.29
C ASN A 216 9.01 0.57 -2.46
N VAL A 217 8.46 0.39 -1.26
CA VAL A 217 8.92 -0.61 -0.31
C VAL A 217 7.79 -1.56 0.03
N ILE A 218 8.04 -2.85 -0.09
CA ILE A 218 7.17 -3.86 0.49
C ILE A 218 7.74 -4.24 1.85
N ALA A 219 6.89 -4.22 2.88
CA ALA A 219 7.30 -4.39 4.27
C ALA A 219 6.57 -5.61 4.83
N PRO A 220 7.17 -6.79 4.73
CA PRO A 220 6.45 -8.02 5.06
C PRO A 220 6.44 -8.35 6.55
N GLY A 221 5.30 -8.86 7.00
CA GLY A 221 5.21 -9.57 8.26
C GLY A 221 5.75 -10.98 8.12
N LEU A 222 5.10 -11.96 8.74
CA LEU A 222 5.62 -13.32 8.76
C LEU A 222 5.11 -14.13 7.57
N TYR A 223 6.05 -14.65 6.78
CA TYR A 223 6.01 -15.28 5.49
C TYR A 223 6.88 -16.54 5.49
N PRO A 224 6.41 -17.65 4.93
CA PRO A 224 7.19 -18.88 4.95
C PRO A 224 8.31 -18.84 3.91
N SER A 225 9.54 -18.63 4.36
CA SER A 225 10.70 -18.59 3.48
C SER A 225 11.76 -19.54 4.04
N GLU A 226 12.97 -19.46 3.49
CA GLU A 226 14.04 -20.28 4.03
C GLU A 226 14.48 -19.77 5.40
N MET A 227 14.37 -18.47 5.59
CA MET A 227 14.78 -17.84 6.87
C MET A 227 13.76 -18.17 7.96
N THR A 228 12.48 -18.22 7.62
CA THR A 228 11.44 -18.36 8.67
C THR A 228 11.02 -19.82 8.88
N GLU A 229 11.48 -20.72 8.04
CA GLU A 229 11.09 -22.14 8.13
C GLU A 229 10.94 -22.53 9.60
N GLU A 230 12.03 -22.47 10.36
CA GLU A 230 12.00 -22.89 11.77
C GLU A 230 10.93 -22.10 12.50
N ILE A 231 10.97 -20.78 12.40
CA ILE A 231 9.98 -20.03 13.17
C ILE A 231 8.57 -20.52 12.85
N VAL A 232 8.31 -20.89 11.61
CA VAL A 232 6.98 -21.35 11.22
C VAL A 232 6.65 -22.69 11.87
N LYS A 233 7.63 -23.60 11.90
CA LYS A 233 7.47 -24.84 12.63
C LYS A 233 7.15 -24.57 14.10
N GLY A 234 7.87 -23.62 14.71
CA GLY A 234 7.64 -23.32 16.12
C GLY A 234 6.24 -22.79 16.41
N THR A 235 5.65 -22.08 15.44
CA THR A 235 4.33 -21.49 15.67
C THR A 235 3.28 -22.54 16.02
N HIS A 236 3.48 -23.78 15.58
CA HIS A 236 2.45 -24.79 15.78
C HIS A 236 2.26 -25.12 17.26
N GLN A 237 3.08 -24.57 18.14
CA GLN A 237 2.98 -24.79 19.58
C GLN A 237 2.77 -23.44 20.25
N LEU A 238 1.60 -22.84 20.05
CA LEU A 238 1.36 -21.49 20.55
C LEU A 238 -0.10 -21.39 20.93
N THR A 239 -0.39 -20.87 22.12
CA THR A 239 -1.77 -20.57 22.44
C THR A 239 -2.29 -19.57 21.41
N PRO A 240 -3.55 -19.69 20.99
CA PRO A 240 -4.12 -18.72 20.05
C PRO A 240 -3.70 -17.27 20.30
N ASP A 241 -3.60 -16.90 21.58
CA ASP A 241 -3.30 -15.52 21.93
C ASP A 241 -1.83 -15.17 21.65
N GLU A 242 -0.91 -16.11 21.88
CA GLU A 242 0.47 -15.88 21.46
C GLU A 242 0.59 -15.90 19.94
N TYR A 243 -0.12 -16.81 19.28
CA TYR A 243 -0.09 -16.85 17.82
C TYR A 243 -0.60 -15.56 17.23
N ALA A 244 -1.67 -15.00 17.81
CA ALA A 244 -2.22 -13.74 17.34
C ALA A 244 -1.23 -12.58 17.48
N MET A 245 -0.16 -12.75 18.26
CA MET A 245 0.76 -11.67 18.52
C MET A 245 2.13 -11.88 17.91
N LYS A 246 2.56 -13.12 17.77
CA LYS A 246 3.85 -13.44 17.15
C LYS A 246 3.71 -13.58 15.64
N VAL A 247 2.49 -13.87 15.17
CA VAL A 247 2.21 -14.19 13.77
C VAL A 247 1.25 -13.16 13.19
N SER A 248 -0.04 -13.30 13.51
CA SER A 248 -1.09 -12.44 12.97
C SER A 248 -2.43 -12.67 13.66
N PRO A 249 -3.15 -11.62 14.02
CA PRO A 249 -4.49 -11.81 14.63
C PRO A 249 -5.52 -12.39 13.67
N LEU A 250 -5.23 -12.46 12.37
CA LEU A 250 -6.08 -13.17 11.44
C LEU A 250 -5.81 -14.67 11.47
N GLY A 251 -4.84 -15.14 12.24
CA GLY A 251 -4.66 -16.55 12.44
C GLY A 251 -3.99 -17.32 11.32
N ARG A 252 -2.99 -16.73 10.68
CA ARG A 252 -2.19 -17.43 9.68
C ARG A 252 -1.03 -16.52 9.30
N PRO A 253 0.05 -17.10 8.81
CA PRO A 253 1.07 -16.27 8.16
C PRO A 253 0.70 -16.06 6.71
N GLY A 254 1.50 -15.30 5.97
CA GLY A 254 1.16 -14.99 4.61
C GLY A 254 1.45 -16.13 3.66
N ASN A 255 1.15 -15.90 2.38
CA ASN A 255 1.16 -16.97 1.41
C ASN A 255 1.39 -16.42 0.00
N ASP A 256 1.33 -17.31 -0.99
CA ASP A 256 1.66 -16.98 -2.36
C ASP A 256 0.78 -15.85 -2.87
N GLU A 257 -0.50 -15.88 -2.50
CA GLU A 257 -1.48 -14.98 -3.08
C GLU A 257 -1.33 -13.58 -2.51
N ASP A 258 -1.03 -13.50 -1.22
CA ASP A 258 -0.74 -12.22 -0.58
C ASP A 258 0.40 -11.50 -1.29
N VAL A 259 1.53 -12.19 -1.48
CA VAL A 259 2.67 -11.63 -2.19
C VAL A 259 2.32 -11.34 -3.63
N ALA A 260 1.52 -12.21 -4.24
CA ALA A 260 1.10 -11.99 -5.62
C ALA A 260 0.32 -10.69 -5.74
N GLY A 261 -0.58 -10.43 -4.79
CA GLY A 261 -1.35 -9.21 -4.83
C GLY A 261 -0.48 -7.97 -4.77
N CYS A 262 0.45 -7.92 -3.80
CA CYS A 262 1.31 -6.76 -3.64
C CYS A 262 2.09 -6.50 -4.91
N ILE A 263 2.84 -7.49 -5.39
CA ILE A 263 3.75 -7.25 -6.50
C ILE A 263 2.97 -6.94 -7.76
N LEU A 264 1.80 -7.58 -7.93
CA LEU A 264 1.01 -7.32 -9.12
C LEU A 264 0.35 -5.96 -9.07
N TRP A 265 -0.03 -5.50 -7.88
CA TRP A 265 -0.59 -4.15 -7.78
C TRP A 265 0.45 -3.09 -8.12
N LEU A 266 1.64 -3.21 -7.59
CA LEU A 266 2.64 -2.13 -7.76
C LEU A 266 3.37 -2.19 -9.10
N ALA A 267 3.39 -3.34 -9.76
CA ALA A 267 4.18 -3.46 -11.00
C ALA A 267 3.29 -3.19 -12.20
N SER A 268 1.99 -3.28 -12.03
CA SER A 268 1.06 -3.12 -13.15
C SER A 268 0.75 -1.66 -13.41
N LYS A 269 -0.26 -1.39 -14.24
CA LYS A 269 -0.66 0.00 -14.54
C LYS A 269 -1.46 0.51 -13.36
N ALA A 270 -1.97 -0.43 -12.58
CA ALA A 270 -2.73 -0.05 -11.38
C ALA A 270 -1.80 0.75 -10.47
N GLY A 271 -0.59 0.24 -10.29
CA GLY A 271 0.32 0.94 -9.41
C GLY A 271 1.14 2.02 -10.08
N ALA A 272 0.75 2.45 -11.27
CA ALA A 272 1.60 3.33 -12.06
C ALA A 272 1.78 4.71 -11.46
N TRP A 273 0.95 5.10 -10.50
CA TRP A 273 1.05 6.42 -9.89
C TRP A 273 1.54 6.36 -8.44
N VAL A 274 2.12 5.24 -8.02
CA VAL A 274 2.56 5.04 -6.65
C VAL A 274 4.07 5.25 -6.57
N SER A 275 4.51 6.16 -5.71
CA SER A 275 5.92 6.35 -5.46
C SER A 275 6.07 6.84 -4.02
N GLY A 276 6.98 6.19 -3.29
CA GLY A 276 7.18 6.49 -1.90
C GLY A 276 6.27 5.77 -0.93
N ASN A 277 5.51 4.76 -1.38
CA ASN A 277 4.63 4.02 -0.50
C ASN A 277 5.41 2.91 0.19
N VAL A 278 5.21 2.79 1.50
CA VAL A 278 5.61 1.61 2.25
C VAL A 278 4.37 0.72 2.39
N LEU A 279 4.38 -0.40 1.66
CA LEU A 279 3.30 -1.38 1.69
C LEU A 279 3.55 -2.34 2.86
N VAL A 280 2.70 -2.28 3.86
CA VAL A 280 2.80 -3.12 5.05
C VAL A 280 1.84 -4.29 4.86
N THR A 281 2.39 -5.45 4.54
CA THR A 281 1.62 -6.69 4.41
C THR A 281 2.06 -7.58 5.58
N ASP A 282 1.34 -7.45 6.70
CA ASP A 282 1.79 -8.01 7.97
C ASP A 282 0.72 -8.82 8.69
N GLY A 283 -0.48 -8.90 8.13
CA GLY A 283 -1.56 -9.58 8.82
C GLY A 283 -2.09 -8.84 10.02
N GLY A 284 -1.67 -7.60 10.23
CA GLY A 284 -2.08 -6.84 11.38
C GLY A 284 -1.14 -6.93 12.55
N LYS A 285 0.00 -7.61 12.42
CA LYS A 285 0.90 -7.82 13.55
C LYS A 285 1.43 -6.49 14.09
N LEU A 286 1.85 -5.60 13.19
CA LEU A 286 2.46 -4.34 13.62
C LEU A 286 1.57 -3.57 14.58
N GLY A 287 0.25 -3.63 14.39
CA GLY A 287 -0.65 -2.97 15.31
C GLY A 287 -0.66 -3.55 16.70
N LEU A 288 -0.01 -4.70 16.89
CA LEU A 288 -0.03 -5.40 18.16
C LEU A 288 1.28 -5.35 18.93
N VAL A 289 2.39 -5.04 18.27
CA VAL A 289 3.67 -4.96 18.96
C VAL A 289 4.10 -3.50 19.02
N PRO A 290 4.98 -3.12 19.94
CA PRO A 290 5.48 -1.74 19.94
C PRO A 290 6.17 -1.44 18.61
N SER A 291 5.79 -0.33 18.00
CA SER A 291 6.27 0.01 16.68
C SER A 291 6.47 1.51 16.57
N SER A 292 6.90 1.93 15.39
CA SER A 292 7.02 3.33 15.02
C SER A 292 6.50 3.53 13.60
N TYR A 293 5.46 2.80 13.23
CA TYR A 293 4.82 3.00 11.92
C TYR A 293 3.63 3.95 12.04
N PRO B 7 -4.40 -22.12 -5.32
CA PRO B 7 -3.27 -21.20 -5.42
C PRO B 7 -3.14 -20.66 -6.83
N SER B 8 -4.28 -20.37 -7.47
CA SER B 8 -4.28 -19.73 -8.78
C SER B 8 -3.83 -18.29 -8.63
N LEU B 9 -2.78 -17.91 -9.36
CA LEU B 9 -2.18 -16.59 -9.26
C LEU B 9 -2.56 -15.71 -10.44
N ALA B 10 -3.62 -16.07 -11.17
CA ALA B 10 -4.07 -15.25 -12.28
C ALA B 10 -4.78 -13.99 -11.78
N VAL B 11 -4.51 -12.87 -12.45
CA VAL B 11 -5.07 -11.59 -12.03
C VAL B 11 -6.59 -11.67 -11.90
N ALA B 12 -7.25 -12.36 -12.84
CA ALA B 12 -8.70 -12.43 -12.80
C ALA B 12 -9.22 -13.22 -11.62
N ASP B 13 -8.39 -14.11 -11.07
CA ASP B 13 -8.79 -14.87 -9.89
C ASP B 13 -8.45 -14.12 -8.60
N LEU B 14 -7.26 -13.51 -8.55
CA LEU B 14 -6.82 -12.79 -7.37
C LEU B 14 -7.67 -11.56 -7.09
N PHE B 15 -7.87 -10.73 -8.11
CA PHE B 15 -8.35 -9.37 -7.93
C PHE B 15 -9.84 -9.20 -8.22
N ASN B 16 -10.58 -10.26 -8.54
CA ASN B 16 -12.01 -10.06 -8.74
C ASN B 16 -12.69 -9.86 -7.40
N VAL B 17 -13.83 -9.18 -7.44
CA VAL B 17 -14.61 -8.90 -6.23
C VAL B 17 -16.02 -9.45 -6.42
N ASN B 18 -16.13 -10.58 -7.11
CA ASN B 18 -17.42 -11.16 -7.40
C ASN B 18 -18.15 -11.55 -6.13
N GLY B 19 -19.38 -11.06 -5.97
CA GLY B 19 -20.17 -11.36 -4.80
C GLY B 19 -19.86 -10.52 -3.58
N LEU B 20 -18.84 -9.68 -3.64
CA LEU B 20 -18.54 -8.77 -2.55
C LEU B 20 -19.65 -7.76 -2.39
N VAL B 21 -20.14 -7.60 -1.16
CA VAL B 21 -21.13 -6.57 -0.84
C VAL B 21 -20.43 -5.42 -0.15
N ALA B 22 -20.47 -4.24 -0.76
CA ALA B 22 -19.72 -3.09 -0.31
C ALA B 22 -20.61 -1.87 -0.10
N VAL B 23 -20.14 -0.98 0.76
CA VAL B 23 -20.80 0.30 1.02
C VAL B 23 -19.75 1.41 0.91
N VAL B 24 -20.07 2.44 0.14
CA VAL B 24 -19.15 3.54 -0.13
C VAL B 24 -19.89 4.83 0.15
N THR B 25 -19.50 5.53 1.22
CA THR B 25 -20.01 6.87 1.44
C THR B 25 -19.31 7.83 0.49
N GLY B 26 -20.05 8.83 0.03
CA GLY B 26 -19.49 9.70 -0.99
C GLY B 26 -19.20 8.98 -2.29
N GLY B 27 -19.98 7.94 -2.59
CA GLY B 27 -19.71 7.09 -3.72
C GLY B 27 -20.20 7.58 -5.07
N ALA B 28 -20.70 8.80 -5.15
CA ALA B 28 -21.31 9.29 -6.38
C ALA B 28 -20.54 10.43 -7.03
N THR B 29 -19.42 10.86 -6.46
CA THR B 29 -18.60 11.89 -7.08
C THR B 29 -17.13 11.61 -6.80
N GLY B 30 -16.28 12.13 -7.67
CA GLY B 30 -14.84 12.16 -7.44
C GLY B 30 -14.26 10.80 -7.17
N ILE B 31 -13.44 10.72 -6.12
CA ILE B 31 -12.71 9.50 -5.79
C ILE B 31 -13.68 8.37 -5.50
N GLY B 32 -14.67 8.62 -4.62
CA GLY B 32 -15.64 7.59 -4.29
C GLY B 32 -16.31 6.99 -5.52
N LEU B 33 -16.52 7.79 -6.55
CA LEU B 33 -17.13 7.26 -7.77
C LEU B 33 -16.20 6.30 -8.48
N MET B 34 -14.93 6.67 -8.63
CA MET B 34 -13.97 5.78 -9.27
C MET B 34 -13.86 4.46 -8.52
N MET B 35 -14.13 4.47 -7.22
CA MET B 35 -14.12 3.23 -6.44
C MET B 35 -15.31 2.36 -6.80
N VAL B 36 -16.52 2.92 -6.77
CA VAL B 36 -17.70 2.08 -6.99
C VAL B 36 -17.75 1.60 -8.43
N ARG B 37 -17.26 2.41 -9.37
CA ARG B 37 -17.15 1.96 -10.76
C ARG B 37 -16.20 0.79 -10.89
N ALA B 38 -15.07 0.84 -10.18
CA ALA B 38 -14.14 -0.28 -10.19
C ALA B 38 -14.75 -1.52 -9.54
N LEU B 39 -15.41 -1.34 -8.39
CA LEU B 39 -15.94 -2.48 -7.65
C LEU B 39 -17.10 -3.14 -8.41
N GLU B 40 -17.99 -2.34 -8.98
CA GLU B 40 -19.18 -2.89 -9.62
C GLU B 40 -18.85 -3.54 -10.96
N GLU B 41 -17.97 -2.91 -11.74
CA GLU B 41 -17.55 -3.46 -13.02
C GLU B 41 -16.88 -4.82 -12.83
N ASN B 42 -16.28 -5.06 -11.67
CA ASN B 42 -15.55 -6.28 -11.41
C ASN B 42 -16.27 -7.20 -10.42
N GLY B 43 -17.60 -7.09 -10.38
CA GLY B 43 -18.39 -8.11 -9.66
C GLY B 43 -19.00 -7.79 -8.31
N ALA B 44 -19.24 -6.54 -7.99
CA ALA B 44 -19.71 -6.30 -6.62
C ALA B 44 -21.07 -5.60 -6.55
N LYS B 45 -21.69 -5.66 -5.37
CA LYS B 45 -22.95 -4.91 -5.14
C LYS B 45 -22.52 -3.73 -4.28
N VAL B 46 -22.61 -2.52 -4.81
CA VAL B 46 -22.05 -1.37 -4.07
C VAL B 46 -23.10 -0.36 -3.66
N TYR B 47 -23.55 -0.41 -2.42
CA TYR B 47 -24.37 0.69 -1.92
C TYR B 47 -23.55 1.98 -1.89
N ILE B 48 -24.08 3.03 -2.51
CA ILE B 48 -23.48 4.35 -2.45
C ILE B 48 -24.37 5.22 -1.57
N VAL B 49 -23.76 5.92 -0.63
CA VAL B 49 -24.49 6.73 0.35
C VAL B 49 -24.08 8.18 0.19
N GLY B 50 -25.04 9.04 -0.12
CA GLY B 50 -24.79 10.46 -0.22
C GLY B 50 -25.95 11.23 0.36
N ARG B 51 -25.79 12.55 0.34
CA ARG B 51 -26.80 13.50 0.87
C ARG B 51 -27.68 13.98 -0.27
N ARG B 52 -27.18 13.93 -1.50
CA ARG B 52 -27.97 14.39 -2.67
C ARG B 52 -28.60 13.18 -3.35
N LYS B 53 -29.93 13.06 -3.30
CA LYS B 53 -30.65 11.85 -3.79
C LYS B 53 -30.37 11.76 -5.28
N GLU B 54 -30.38 12.91 -5.95
CA GLU B 54 -29.93 12.91 -7.35
C GLU B 54 -28.43 12.67 -7.23
N VAL B 55 -27.68 12.69 -8.32
CA VAL B 55 -26.24 12.35 -8.16
C VAL B 55 -26.18 10.90 -7.71
N LEU B 56 -26.77 10.54 -6.55
CA LEU B 56 -26.72 9.09 -6.26
C LEU B 56 -27.46 8.37 -7.38
N GLU B 57 -28.61 8.90 -7.78
CA GLU B 57 -29.42 8.25 -8.82
C GLU B 57 -28.67 8.27 -10.13
N LYS B 58 -28.39 9.46 -10.63
CA LYS B 58 -27.73 9.57 -11.95
C LYS B 58 -26.60 8.55 -12.06
N VAL B 59 -25.90 8.29 -10.97
CA VAL B 59 -24.69 7.43 -11.01
C VAL B 59 -25.10 5.96 -10.94
N ALA B 60 -26.18 5.70 -10.22
CA ALA B 60 -26.67 4.30 -10.16
C ALA B 60 -27.02 3.84 -11.56
N LYS B 61 -27.73 4.68 -12.31
CA LYS B 61 -27.97 4.35 -13.73
C LYS B 61 -26.78 4.95 -14.46
N ASN B 62 -26.66 4.79 -15.76
CA ASN B 62 -25.55 5.50 -16.46
C ASN B 62 -24.17 4.95 -16.13
N GLU B 63 -23.79 4.85 -14.85
CA GLU B 63 -22.39 4.47 -14.51
C GLU B 63 -22.25 2.96 -14.26
N ALA B 64 -23.24 2.31 -13.66
CA ALA B 64 -23.20 0.87 -13.52
C ALA B 64 -23.00 0.22 -14.89
N LYS B 65 -22.37 -0.96 -14.88
CA LYS B 65 -22.24 -1.78 -16.07
C LYS B 65 -22.99 -3.09 -15.91
N HIS B 66 -23.48 -3.38 -14.71
CA HIS B 66 -24.26 -4.58 -14.42
C HIS B 66 -25.47 -4.28 -13.57
N GLY B 67 -25.76 -3.00 -13.30
CA GLY B 67 -26.87 -2.63 -12.46
C GLY B 67 -26.72 -3.07 -11.02
N ASN B 68 -25.53 -2.93 -10.45
CA ASN B 68 -25.29 -3.31 -9.06
C ASN B 68 -24.89 -2.13 -8.19
N ILE B 69 -25.11 -0.90 -8.65
CA ILE B 69 -24.99 0.28 -7.79
C ILE B 69 -26.36 0.59 -7.23
N ILE B 70 -26.54 0.37 -5.92
CA ILE B 70 -27.80 0.62 -5.24
C ILE B 70 -27.74 1.94 -4.50
N PRO B 71 -28.37 3.01 -5.01
CA PRO B 71 -28.29 4.30 -4.33
C PRO B 71 -29.14 4.31 -3.07
N LEU B 72 -28.67 5.06 -2.08
CA LEU B 72 -29.25 4.98 -0.74
C LEU B 72 -28.88 6.28 -0.02
N GLN B 73 -29.81 7.23 0.01
CA GLN B 73 -29.51 8.55 0.55
C GLN B 73 -29.36 8.51 2.06
N GLY B 74 -28.37 9.25 2.56
CA GLY B 74 -28.15 9.38 3.98
C GLY B 74 -27.03 10.36 4.29
N ASP B 75 -27.00 10.82 5.54
CA ASP B 75 -25.95 11.70 6.03
C ASP B 75 -25.02 10.83 6.86
N ALA B 76 -23.87 10.48 6.30
CA ALA B 76 -22.95 9.55 6.94
C ALA B 76 -22.43 10.05 8.29
N SER B 77 -22.52 11.36 8.55
CA SER B 77 -22.14 11.90 9.85
C SER B 77 -23.27 11.87 10.86
N SER B 78 -24.52 11.78 10.42
CA SER B 78 -25.68 11.79 11.30
C SER B 78 -25.87 10.41 11.93
N LYS B 79 -25.79 10.35 13.25
CA LYS B 79 -25.89 9.07 13.95
C LYS B 79 -27.22 8.38 13.68
N ASP B 80 -28.25 9.14 13.34
CA ASP B 80 -29.58 8.57 13.16
C ASP B 80 -29.84 8.15 11.72
N ASP B 81 -29.29 8.88 10.74
CA ASP B 81 -29.36 8.41 9.36
C ASP B 81 -28.61 7.09 9.19
N LEU B 82 -27.47 6.94 9.89
CA LEU B 82 -26.75 5.68 9.83
C LEU B 82 -27.62 4.54 10.32
N GLU B 83 -28.39 4.78 11.39
CA GLU B 83 -29.26 3.74 11.94
C GLU B 83 -30.30 3.29 10.92
N ARG B 84 -30.88 4.23 10.16
CA ARG B 84 -31.88 3.86 9.18
C ARG B 84 -31.23 3.21 7.96
N ILE B 85 -30.03 3.65 7.58
CA ILE B 85 -29.32 3.05 6.46
C ILE B 85 -28.91 1.62 6.77
N VAL B 86 -28.46 1.38 8.01
CA VAL B 86 -28.07 0.03 8.42
C VAL B 86 -29.28 -0.88 8.41
N ALA B 87 -30.39 -0.41 8.98
CA ALA B 87 -31.61 -1.20 9.01
C ALA B 87 -32.04 -1.60 7.61
N HIS B 88 -32.00 -0.65 6.67
CA HIS B 88 -32.38 -0.97 5.30
C HIS B 88 -31.50 -2.06 4.72
N ILE B 89 -30.18 -1.93 4.88
CA ILE B 89 -29.28 -2.92 4.29
C ILE B 89 -29.41 -4.26 5.03
N THR B 90 -29.72 -4.21 6.33
CA THR B 90 -30.04 -5.45 7.02
C THR B 90 -31.31 -6.09 6.47
N LYS B 91 -32.29 -5.27 6.08
CA LYS B 91 -33.50 -5.80 5.46
C LYS B 91 -33.19 -6.40 4.09
N GLU B 92 -32.60 -5.60 3.20
CA GLU B 92 -32.49 -5.99 1.80
C GLU B 92 -31.42 -7.03 1.55
N THR B 93 -30.38 -7.11 2.41
CA THR B 93 -29.24 -7.93 2.05
C THR B 93 -28.72 -8.79 3.20
N GLY B 94 -28.71 -8.26 4.42
CA GLY B 94 -28.41 -9.03 5.61
C GLY B 94 -26.97 -8.97 6.09
N TYR B 95 -26.05 -8.52 5.24
CA TYR B 95 -24.63 -8.46 5.56
C TYR B 95 -23.95 -7.51 4.58
N ILE B 96 -22.80 -6.99 4.99
CA ILE B 96 -21.85 -6.40 4.04
C ILE B 96 -20.48 -6.96 4.35
N ASN B 97 -19.60 -6.84 3.36
CA ASN B 97 -18.22 -7.29 3.50
C ASN B 97 -17.23 -6.15 3.62
N LEU B 98 -17.60 -4.95 3.20
CA LEU B 98 -16.64 -3.86 3.05
C LEU B 98 -17.37 -2.53 3.26
N LEU B 99 -16.93 -1.78 4.25
CA LEU B 99 -17.37 -0.41 4.46
C LEU B 99 -16.24 0.53 4.04
N VAL B 100 -16.56 1.50 3.19
CA VAL B 100 -15.58 2.47 2.71
C VAL B 100 -16.05 3.86 3.14
N ALA B 101 -15.38 4.41 4.15
CA ALA B 101 -15.68 5.76 4.65
C ALA B 101 -14.89 6.74 3.80
N ASN B 102 -15.51 7.18 2.70
CA ASN B 102 -14.87 8.09 1.76
C ASN B 102 -15.44 9.50 1.80
N ALA B 103 -16.61 9.71 2.43
CA ALA B 103 -17.22 11.03 2.44
C ALA B 103 -16.28 12.06 3.08
N GLY B 104 -16.25 13.25 2.50
CA GLY B 104 -15.34 14.29 2.98
C GLY B 104 -15.77 15.63 2.50
N ILE B 105 -15.42 16.66 3.27
CA ILE B 105 -15.68 18.05 2.93
C ILE B 105 -14.35 18.79 2.91
N PRO B 106 -14.22 19.87 2.15
CA PRO B 106 -13.07 20.75 2.33
C PRO B 106 -13.25 21.61 3.58
N GLY B 107 -12.12 22.04 4.12
CA GLY B 107 -12.15 22.72 5.38
C GLY B 107 -12.75 24.10 5.30
N PRO B 108 -12.53 24.89 6.33
CA PRO B 108 -12.68 26.34 6.18
C PRO B 108 -11.75 26.86 5.10
N ALA B 109 -11.90 28.12 4.73
CA ALA B 109 -11.01 28.68 3.73
C ALA B 109 -9.57 28.64 4.22
N PRO B 110 -8.61 28.24 3.37
CA PRO B 110 -7.22 28.17 3.76
C PRO B 110 -6.67 29.51 4.23
N ILE B 111 -5.75 29.49 5.19
CA ILE B 111 -5.12 30.76 5.62
C ILE B 111 -4.05 31.08 4.59
N LYS B 112 -4.28 32.13 3.81
CA LYS B 112 -3.34 32.49 2.73
C LYS B 112 -2.11 33.16 3.30
N MET B 113 -0.94 32.74 2.84
CA MET B 113 0.32 33.38 3.28
C MET B 113 1.09 33.74 2.03
N SER B 114 0.85 34.93 1.50
CA SER B 114 1.56 35.40 0.28
C SER B 114 2.80 36.17 0.69
N PRO B 115 3.94 36.03 0.00
CA PRO B 115 5.17 36.69 0.45
C PRO B 115 4.99 38.16 0.77
N SER B 116 3.95 38.80 0.23
CA SER B 116 3.64 40.19 0.52
C SER B 116 2.50 40.31 1.52
N SER B 117 2.39 39.37 2.44
CA SER B 117 1.48 39.47 3.58
C SER B 117 2.31 39.76 4.82
N SER B 118 1.97 40.84 5.52
CA SER B 118 2.60 41.06 6.81
C SER B 118 2.04 40.06 7.82
N LEU B 119 2.76 39.90 8.93
CA LEU B 119 2.26 39.01 9.97
C LEU B 119 0.97 39.56 10.55
N ALA B 120 0.84 40.88 10.62
CA ALA B 120 -0.41 41.49 11.07
C ALA B 120 -1.57 41.07 10.17
N ASP B 121 -1.33 40.98 8.86
CA ASP B 121 -2.39 40.54 7.95
C ASP B 121 -2.71 39.07 8.12
N ILE B 122 -1.69 38.24 8.36
CA ILE B 122 -1.93 36.80 8.44
C ILE B 122 -2.72 36.43 9.69
N GLN B 123 -2.63 37.23 10.77
CA GLN B 123 -3.57 36.94 11.86
C GLN B 123 -4.98 37.29 11.45
N LYS B 124 -5.16 38.44 10.79
CA LYS B 124 -6.49 38.82 10.31
C LYS B 124 -7.17 37.62 9.67
N ASP B 125 -6.51 37.00 8.69
CA ASP B 125 -6.86 35.68 8.15
C ASP B 125 -7.11 34.61 9.21
N LEU B 126 -6.09 34.32 10.02
CA LEU B 126 -6.20 33.23 10.99
C LEU B 126 -7.41 33.39 11.90
N TRP B 127 -7.62 34.60 12.40
CA TRP B 127 -8.69 34.81 13.38
C TRP B 127 -10.07 34.78 12.72
N ASN B 128 -10.15 35.10 11.42
CA ASN B 128 -11.43 35.11 10.72
C ASN B 128 -12.07 33.73 10.65
N THR B 129 -11.27 32.67 10.66
CA THR B 129 -11.80 31.31 10.52
C THR B 129 -12.98 31.09 11.44
N ASP B 130 -14.06 30.51 10.92
CA ASP B 130 -15.30 30.36 11.73
C ASP B 130 -15.25 29.14 12.66
N PRO B 131 -15.64 29.27 13.89
CA PRO B 131 -15.58 28.17 14.82
C PRO B 131 -16.50 27.03 14.60
N ALA B 132 -17.43 27.14 13.68
CA ALA B 132 -18.37 26.07 13.51
C ALA B 132 -18.05 25.25 12.36
N GLU B 133 -17.19 25.77 11.51
CA GLU B 133 -16.76 25.04 10.37
C GLU B 133 -15.71 24.13 10.96
N PHE B 134 -14.59 24.76 11.30
CA PHE B 134 -13.45 24.11 11.91
C PHE B 134 -14.10 23.55 13.11
N GLU B 135 -14.72 22.43 12.93
CA GLU B 135 -15.46 21.80 13.99
C GLU B 135 -16.28 20.79 13.30
N HIS B 136 -16.79 21.17 12.16
CA HIS B 136 -17.56 20.32 11.39
C HIS B 136 -16.63 19.46 10.59
N ILE B 137 -15.56 20.00 10.04
CA ILE B 137 -14.75 19.09 9.20
C ILE B 137 -14.42 17.92 10.11
N PHE B 138 -14.36 18.19 11.41
CA PHE B 138 -14.01 17.08 12.27
C PHE B 138 -15.16 16.11 12.47
N ASN B 139 -16.39 16.59 12.32
CA ASN B 139 -17.54 15.71 12.51
C ASN B 139 -17.71 14.79 11.32
N VAL B 140 -17.41 15.29 10.12
CA VAL B 140 -17.50 14.46 8.93
C VAL B 140 -16.34 13.47 8.87
N HIS B 141 -15.12 13.97 9.04
CA HIS B 141 -13.95 13.14 8.76
C HIS B 141 -13.61 12.18 9.89
N VAL B 142 -13.89 12.54 11.14
CA VAL B 142 -13.45 11.71 12.26
C VAL B 142 -14.65 11.10 12.97
N ARG B 143 -15.45 11.95 13.60
CA ARG B 143 -16.70 11.51 14.21
C ARG B 143 -17.54 10.70 13.22
N GLY B 144 -17.67 11.22 12.00
CA GLY B 144 -18.48 10.52 10.99
C GLY B 144 -17.93 9.16 10.63
N ALA B 145 -16.60 9.02 10.61
CA ALA B 145 -16.02 7.71 10.36
C ALA B 145 -16.28 6.76 11.52
N TYR B 146 -16.08 7.24 12.75
CA TYR B 146 -16.32 6.41 13.93
C TYR B 146 -17.73 5.83 13.94
N PHE B 147 -18.74 6.68 13.74
CA PHE B 147 -20.11 6.20 13.85
C PHE B 147 -20.50 5.34 12.67
N SER B 148 -19.91 5.60 11.50
CA SER B 148 -20.10 4.71 10.37
C SER B 148 -19.63 3.30 10.73
N PHE B 149 -18.48 3.18 11.37
CA PHE B 149 -18.02 1.87 11.82
C PHE B 149 -18.95 1.31 12.89
N ALA B 150 -19.36 2.14 13.85
CA ALA B 150 -20.22 1.65 14.92
C ALA B 150 -21.54 1.14 14.36
N ALA B 151 -22.05 1.82 13.33
CA ALA B 151 -23.33 1.43 12.76
C ALA B 151 -23.23 0.12 11.99
N PHE B 152 -22.20 -0.04 11.14
CA PHE B 152 -22.17 -1.22 10.28
C PHE B 152 -21.50 -2.43 10.90
N LEU B 153 -21.03 -2.33 12.14
CA LEU B 153 -20.28 -3.43 12.74
C LEU B 153 -21.07 -4.74 12.81
N PRO B 154 -22.41 -4.74 13.00
CA PRO B 154 -23.14 -6.02 12.94
C PRO B 154 -23.14 -6.56 11.53
N LEU B 155 -23.43 -5.66 10.58
CA LEU B 155 -23.43 -6.03 9.17
C LEU B 155 -22.06 -6.56 8.75
N LEU B 156 -20.99 -5.93 9.25
CA LEU B 156 -19.64 -6.41 8.95
C LEU B 156 -19.36 -7.73 9.63
N SER B 157 -19.88 -7.90 10.86
CA SER B 157 -19.74 -9.18 11.53
C SER B 157 -20.52 -10.27 10.83
N ALA B 158 -21.64 -9.91 10.19
CA ALA B 158 -22.44 -10.90 9.47
C ALA B 158 -21.76 -11.36 8.20
N GLY B 159 -21.09 -10.43 7.49
CA GLY B 159 -20.41 -10.82 6.27
C GLY B 159 -19.33 -11.87 6.51
N ASN B 160 -18.77 -11.87 7.72
CA ASN B 160 -17.82 -12.92 8.07
C ASN B 160 -18.53 -14.27 8.21
N GLU B 161 -19.79 -14.26 8.66
CA GLU B 161 -20.53 -15.49 8.85
C GLU B 161 -21.09 -16.04 7.53
N LYS B 162 -21.72 -15.18 6.71
CA LYS B 162 -22.17 -15.66 5.41
C LYS B 162 -21.03 -16.22 4.59
N GLY B 163 -19.83 -15.69 4.75
CA GLY B 163 -18.67 -16.24 4.08
C GLY B 163 -18.81 -16.30 2.57
N ASN B 164 -19.48 -15.32 1.99
CA ASN B 164 -19.54 -15.25 0.54
C ASN B 164 -18.21 -14.88 -0.08
N VAL B 165 -17.27 -14.40 0.73
CA VAL B 165 -15.91 -14.11 0.25
C VAL B 165 -14.92 -14.66 1.25
N PRO B 166 -13.74 -15.06 0.75
CA PRO B 166 -12.73 -15.64 1.65
C PRO B 166 -12.01 -14.60 2.49
N GLN B 167 -11.91 -13.37 2.01
CA GLN B 167 -11.27 -12.33 2.79
C GLN B 167 -12.15 -11.90 3.96
N SER B 168 -11.51 -11.34 4.98
CA SER B 168 -12.24 -10.85 6.14
C SER B 168 -13.10 -9.64 5.76
N SER B 169 -14.11 -9.39 6.57
CA SER B 169 -14.79 -8.11 6.49
C SER B 169 -13.77 -6.99 6.72
N GLN B 170 -14.05 -5.83 6.16
CA GLN B 170 -13.04 -4.78 6.14
C GLN B 170 -13.67 -3.40 6.08
N MET B 171 -13.08 -2.45 6.79
CA MET B 171 -13.41 -1.05 6.64
C MET B 171 -12.20 -0.28 6.11
N ILE B 172 -12.41 0.45 5.02
CA ILE B 172 -11.41 1.34 4.44
C ILE B 172 -11.84 2.79 4.69
N ILE B 173 -10.86 3.65 4.94
CA ILE B 173 -11.10 5.04 5.27
C ILE B 173 -10.26 5.91 4.35
N THR B 174 -10.90 6.85 3.66
CA THR B 174 -10.16 7.76 2.80
C THR B 174 -9.58 8.86 3.67
N GLY B 175 -8.29 8.78 3.92
CA GLY B 175 -7.60 9.85 4.62
C GLY B 175 -7.14 10.88 3.64
N SER B 176 -5.88 11.27 3.75
CA SER B 176 -5.28 12.26 2.87
C SER B 176 -3.79 12.23 3.13
N ILE B 177 -3.01 12.61 2.12
CA ILE B 177 -1.62 12.89 2.39
C ILE B 177 -1.47 14.15 3.21
N GLY B 178 -2.55 14.93 3.33
CA GLY B 178 -2.59 16.05 4.25
C GLY B 178 -2.47 15.62 5.70
N ALA B 179 -2.68 14.34 5.99
CA ALA B 179 -2.44 13.82 7.33
C ALA B 179 -0.95 13.78 7.66
N PHE B 180 -0.09 13.87 6.66
CA PHE B 180 1.36 13.92 6.87
C PHE B 180 2.02 15.17 6.32
N GLY B 181 1.49 15.75 5.25
CA GLY B 181 2.04 16.97 4.71
C GLY B 181 1.98 18.10 5.72
N ARG B 182 3.13 18.71 5.96
CA ARG B 182 3.29 19.73 7.00
C ARG B 182 3.08 21.11 6.42
N VAL B 183 2.98 21.25 5.11
CA VAL B 183 2.73 22.58 4.51
C VAL B 183 1.23 22.71 4.37
N PRO B 184 0.59 23.60 5.15
CA PRO B 184 -0.85 23.76 5.12
C PRO B 184 -1.39 24.17 3.75
N LEU B 185 -1.63 23.22 2.86
CA LEU B 185 -2.07 23.63 1.51
C LEU B 185 -3.56 23.91 1.58
N ALA B 186 -4.22 23.28 2.56
CA ALA B 186 -5.65 23.57 2.81
C ALA B 186 -5.74 24.33 4.12
N HIS B 187 -6.74 24.04 4.94
CA HIS B 187 -6.78 24.71 6.27
C HIS B 187 -6.21 23.75 7.30
N TYR B 188 -5.68 24.29 8.37
CA TYR B 188 -5.05 23.46 9.41
C TYR B 188 -6.07 22.49 9.96
N ALA B 189 -7.34 22.63 9.62
CA ALA B 189 -8.39 21.77 10.19
C ALA B 189 -8.59 20.56 9.30
N TYR B 190 -8.51 20.75 7.99
CA TYR B 190 -8.62 19.59 7.09
C TYR B 190 -7.50 18.68 7.46
N SER B 191 -6.29 19.23 7.42
CA SER B 191 -5.13 18.41 7.70
C SER B 191 -5.22 17.78 9.08
N ALA B 192 -5.61 18.57 10.08
CA ALA B 192 -5.68 18.04 11.44
C ALA B 192 -6.74 16.97 11.59
N SER B 193 -7.86 17.08 10.87
CA SER B 193 -8.88 16.06 10.95
C SER B 193 -8.43 14.77 10.26
N LYS B 194 -7.74 14.90 9.12
CA LYS B 194 -7.23 13.72 8.42
C LYS B 194 -6.17 12.99 9.24
N ALA B 195 -5.27 13.75 9.86
CA ALA B 195 -4.34 13.16 10.81
C ALA B 195 -5.07 12.44 11.92
N GLY B 196 -6.15 13.03 12.42
CA GLY B 196 -6.89 12.39 13.50
C GLY B 196 -7.58 11.12 13.05
N VAL B 197 -8.18 11.13 11.87
CA VAL B 197 -8.88 9.93 11.43
C VAL B 197 -7.88 8.84 11.04
N THR B 198 -6.74 9.24 10.46
CA THR B 198 -5.71 8.25 10.12
C THR B 198 -5.25 7.52 11.37
N HIS B 199 -5.10 8.24 12.48
CA HIS B 199 -4.64 7.59 13.71
C HIS B 199 -5.72 6.69 14.28
N MET B 200 -6.95 7.18 14.33
CA MET B 200 -8.07 6.35 14.78
C MET B 200 -8.15 5.06 13.98
N ALA B 201 -7.87 5.13 12.68
CA ALA B 201 -7.90 3.94 11.84
C ALA B 201 -6.85 2.93 12.30
N LYS B 202 -5.63 3.40 12.59
CA LYS B 202 -4.60 2.49 13.10
C LYS B 202 -5.00 1.91 14.46
N GLN B 203 -5.69 2.71 15.29
CA GLN B 203 -6.16 2.20 16.58
C GLN B 203 -7.24 1.15 16.42
N LEU B 204 -8.07 1.26 15.38
CA LEU B 204 -9.16 0.30 15.18
C LEU B 204 -8.62 -1.02 14.62
N ALA B 205 -7.62 -0.95 13.75
CA ALA B 205 -6.94 -2.16 13.31
C ALA B 205 -6.27 -2.86 14.49
N THR B 206 -5.75 -2.09 15.43
CA THR B 206 -5.16 -2.67 16.63
C THR B 206 -6.21 -3.36 17.49
N ALA B 207 -7.41 -2.78 17.56
CA ALA B 207 -8.45 -3.39 18.38
C ALA B 207 -9.13 -4.56 17.68
N PHE B 208 -9.54 -4.37 16.44
CA PHE B 208 -10.59 -5.19 15.84
C PHE B 208 -10.13 -6.16 14.77
N THR B 209 -8.85 -6.19 14.43
CA THR B 209 -8.40 -7.22 13.46
C THR B 209 -8.57 -8.58 14.11
N LYS B 210 -8.39 -8.69 15.42
CA LYS B 210 -8.50 -9.98 16.12
C LYS B 210 -9.95 -10.45 16.10
N TYR B 211 -10.88 -9.54 15.83
CA TYR B 211 -12.31 -9.89 15.74
C TYR B 211 -12.64 -10.04 14.29
N GLY B 212 -11.63 -9.94 13.42
CA GLY B 212 -11.94 -10.20 12.02
C GLY B 212 -12.55 -9.05 11.27
N ILE B 213 -12.23 -7.80 11.63
CA ILE B 213 -12.55 -6.63 10.84
C ILE B 213 -11.25 -5.86 10.62
N ARG B 214 -10.70 -5.95 9.41
CA ARG B 214 -9.45 -5.27 9.10
C ARG B 214 -9.74 -3.81 8.76
N PHE B 215 -8.82 -2.93 9.13
CA PHE B 215 -8.91 -1.50 8.84
C PHE B 215 -7.70 -1.07 8.03
N ASN B 216 -7.95 -0.28 6.98
CA ASN B 216 -6.89 0.27 6.15
C ASN B 216 -7.26 1.67 5.72
N VAL B 217 -6.25 2.46 5.39
CA VAL B 217 -6.41 3.85 4.98
C VAL B 217 -5.86 4.03 3.59
N ILE B 218 -6.65 4.63 2.70
CA ILE B 218 -6.15 5.15 1.43
C ILE B 218 -5.87 6.63 1.63
N ALA B 219 -4.67 7.05 1.24
CA ALA B 219 -4.16 8.41 1.49
C ALA B 219 -3.85 9.07 0.16
N PRO B 220 -4.83 9.77 -0.42
CA PRO B 220 -4.68 10.26 -1.79
C PRO B 220 -3.91 11.56 -1.90
N GLY B 221 -3.09 11.64 -2.95
CA GLY B 221 -2.56 12.90 -3.43
C GLY B 221 -3.61 13.66 -4.24
N LEU B 222 -3.22 14.29 -5.33
CA LEU B 222 -4.15 15.13 -6.08
C LEU B 222 -4.88 14.34 -7.16
N TYR B 223 -6.21 14.35 -7.07
CA TYR B 223 -7.25 13.60 -7.73
C TYR B 223 -8.37 14.53 -8.19
N PRO B 224 -8.86 14.39 -9.42
CA PRO B 224 -9.92 15.28 -9.91
C PRO B 224 -11.27 14.93 -9.31
N SER B 225 -11.72 15.72 -8.34
CA SER B 225 -13.01 15.52 -7.71
C SER B 225 -13.79 16.83 -7.75
N GLU B 226 -14.89 16.90 -7.01
CA GLU B 226 -15.63 18.15 -6.94
C GLU B 226 -14.87 19.20 -6.14
N MET B 227 -14.15 18.76 -5.09
CA MET B 227 -13.30 19.67 -4.33
C MET B 227 -12.20 20.27 -5.20
N THR B 228 -11.43 19.39 -5.83
CA THR B 228 -10.23 19.85 -6.59
C THR B 228 -10.58 20.46 -7.95
N GLU B 229 -11.86 20.52 -8.30
CA GLU B 229 -12.24 21.00 -9.66
C GLU B 229 -11.42 22.24 -10.01
N GLU B 230 -11.41 23.21 -9.12
CA GLU B 230 -10.70 24.49 -9.41
C GLU B 230 -9.19 24.27 -9.37
N ILE B 231 -8.69 23.60 -8.33
CA ILE B 231 -7.24 23.45 -8.26
C ILE B 231 -6.70 22.80 -9.53
N VAL B 232 -7.46 21.87 -10.11
CA VAL B 232 -7.00 21.19 -11.33
C VAL B 232 -6.96 22.15 -12.50
N LYS B 233 -7.99 23.00 -12.63
CA LYS B 233 -7.96 24.06 -13.63
C LYS B 233 -6.74 24.95 -13.46
N GLY B 234 -6.43 25.32 -12.20
CA GLY B 234 -5.29 26.18 -11.96
C GLY B 234 -3.96 25.57 -12.36
N THR B 235 -3.85 24.25 -12.26
CA THR B 235 -2.59 23.59 -12.57
C THR B 235 -2.14 23.87 -13.99
N HIS B 236 -3.06 24.12 -14.89
CA HIS B 236 -2.65 24.27 -16.31
C HIS B 236 -1.77 25.50 -16.45
N GLN B 237 -1.59 26.25 -15.36
CA GLN B 237 -0.82 27.51 -15.45
C GLN B 237 0.44 27.41 -14.61
N LEU B 238 1.19 26.31 -14.73
CA LEU B 238 2.36 26.13 -13.82
C LEU B 238 3.61 25.72 -14.58
N THR B 239 4.76 26.33 -14.26
CA THR B 239 6.00 25.84 -14.84
C THR B 239 6.14 24.36 -14.47
N PRO B 240 6.68 23.54 -15.37
CA PRO B 240 6.90 22.12 -15.05
C PRO B 240 7.40 21.87 -13.64
N ASP B 241 8.35 22.68 -13.19
CA ASP B 241 8.95 22.40 -11.87
C ASP B 241 7.95 22.69 -10.76
N GLU B 242 6.85 23.34 -11.10
CA GLU B 242 5.81 23.65 -10.10
C GLU B 242 4.81 22.51 -10.13
N TYR B 243 4.41 22.13 -11.34
CA TYR B 243 3.52 20.96 -11.46
C TYR B 243 4.18 19.87 -10.72
N ALA B 244 5.51 19.80 -10.87
CA ALA B 244 6.12 18.63 -10.26
C ALA B 244 6.04 18.66 -8.75
N MET B 245 5.87 19.83 -8.15
CA MET B 245 5.95 19.91 -6.68
C MET B 245 4.55 20.05 -6.09
N LYS B 246 3.62 20.57 -6.88
CA LYS B 246 2.27 20.84 -6.33
C LYS B 246 1.33 19.73 -6.81
N VAL B 247 1.70 19.05 -7.89
CA VAL B 247 0.84 17.97 -8.43
C VAL B 247 1.56 16.63 -8.26
N SER B 248 2.47 16.29 -9.17
CA SER B 248 3.22 15.02 -9.09
C SER B 248 4.45 15.12 -9.97
N PRO B 249 5.63 14.69 -9.51
CA PRO B 249 6.81 14.67 -10.41
C PRO B 249 6.66 13.73 -11.60
N LEU B 250 5.64 12.86 -11.60
CA LEU B 250 5.33 12.07 -12.78
C LEU B 250 4.52 12.87 -13.80
N GLY B 251 4.14 14.11 -13.48
CA GLY B 251 3.54 14.97 -14.48
C GLY B 251 2.08 14.72 -14.79
N ARG B 252 1.28 14.40 -13.79
CA ARG B 252 -0.16 14.27 -13.96
C ARG B 252 -0.78 14.07 -12.59
N PRO B 253 -2.04 14.41 -12.43
CA PRO B 253 -2.76 13.98 -11.23
C PRO B 253 -3.30 12.59 -11.45
N GLY B 254 -3.96 12.02 -10.44
CA GLY B 254 -4.43 10.66 -10.55
C GLY B 254 -5.70 10.55 -11.37
N ASN B 255 -6.17 9.32 -11.50
CA ASN B 255 -7.25 9.02 -12.43
C ASN B 255 -8.02 7.78 -12.00
N ASP B 256 -8.97 7.38 -12.86
CA ASP B 256 -9.88 6.29 -12.53
C ASP B 256 -9.13 5.01 -12.23
N GLU B 257 -8.06 4.76 -13.01
CA GLU B 257 -7.38 3.48 -12.94
C GLU B 257 -6.53 3.37 -11.70
N ASP B 258 -5.90 4.49 -11.31
CA ASP B 258 -5.15 4.55 -10.06
C ASP B 258 -6.04 4.16 -8.87
N VAL B 259 -7.19 4.82 -8.76
CA VAL B 259 -8.14 4.51 -7.69
C VAL B 259 -8.67 3.09 -7.84
N ALA B 260 -8.88 2.65 -9.07
CA ALA B 260 -9.36 1.29 -9.29
C ALA B 260 -8.35 0.28 -8.76
N GLY B 261 -7.06 0.52 -9.01
CA GLY B 261 -6.04 -0.38 -8.50
C GLY B 261 -6.05 -0.50 -6.99
N CYS B 262 -6.06 0.65 -6.30
CA CYS B 262 -6.03 0.63 -4.85
C CYS B 262 -7.22 -0.14 -4.28
N ILE B 263 -8.43 0.25 -4.67
CA ILE B 263 -9.62 -0.33 -4.04
C ILE B 263 -9.73 -1.80 -4.41
N LEU B 264 -9.33 -2.16 -5.63
CA LEU B 264 -9.43 -3.55 -6.04
C LEU B 264 -8.37 -4.41 -5.36
N TRP B 265 -7.19 -3.84 -5.10
CA TRP B 265 -6.17 -4.59 -4.38
C TRP B 265 -6.61 -4.88 -2.95
N LEU B 266 -7.07 -3.87 -2.23
CA LEU B 266 -7.35 -4.05 -0.79
C LEU B 266 -8.67 -4.76 -0.52
N ALA B 267 -9.56 -4.84 -1.50
CA ALA B 267 -10.91 -5.40 -1.24
C ALA B 267 -10.99 -6.85 -1.68
N SER B 268 -10.08 -7.27 -2.53
CA SER B 268 -10.13 -8.64 -3.08
C SER B 268 -9.42 -9.61 -2.15
N LYS B 269 -9.19 -10.81 -2.64
CA LYS B 269 -8.43 -11.81 -1.87
C LYS B 269 -6.98 -11.36 -1.91
N ALA B 270 -6.60 -10.57 -2.92
CA ALA B 270 -5.20 -10.15 -2.84
C ALA B 270 -4.92 -9.40 -1.56
N GLY B 271 -5.81 -8.50 -1.17
CA GLY B 271 -5.59 -7.73 0.02
C GLY B 271 -6.07 -8.37 1.29
N ALA B 272 -6.36 -9.67 1.27
CA ALA B 272 -7.03 -10.30 2.40
C ALA B 272 -6.18 -10.35 3.65
N TRP B 273 -4.88 -10.14 3.56
CA TRP B 273 -4.00 -10.20 4.73
C TRP B 273 -3.47 -8.82 5.13
N VAL B 274 -4.08 -7.75 4.64
CA VAL B 274 -3.62 -6.39 4.90
C VAL B 274 -4.49 -5.77 5.98
N SER B 275 -3.86 -5.31 7.06
CA SER B 275 -4.56 -4.57 8.10
C SER B 275 -3.58 -3.60 8.72
N GLY B 276 -4.01 -2.34 8.84
CA GLY B 276 -3.16 -1.28 9.35
C GLY B 276 -2.27 -0.61 8.33
N ASN B 277 -2.48 -0.85 7.03
CA ASN B 277 -1.67 -0.21 6.00
C ASN B 277 -2.25 1.15 5.67
N VAL B 278 -1.37 2.14 5.59
CA VAL B 278 -1.69 3.43 4.98
C VAL B 278 -1.17 3.39 3.55
N LEU B 279 -2.10 3.33 2.59
CA LEU B 279 -1.79 3.31 1.17
C LEU B 279 -1.65 4.75 0.69
N VAL B 280 -0.44 5.14 0.33
CA VAL B 280 -0.14 6.49 -0.16
C VAL B 280 -0.12 6.44 -1.67
N THR B 281 -1.19 6.94 -2.29
CA THR B 281 -1.28 7.05 -3.75
C THR B 281 -1.24 8.55 -4.06
N ASP B 282 -0.04 9.06 -4.27
CA ASP B 282 0.21 10.49 -4.31
C ASP B 282 1.00 10.95 -5.51
N GLY B 283 1.43 10.03 -6.37
CA GLY B 283 2.27 10.39 -7.49
C GLY B 283 3.67 10.78 -7.10
N GLY B 284 4.05 10.58 -5.85
CA GLY B 284 5.35 10.97 -5.38
C GLY B 284 5.42 12.35 -4.76
N LYS B 285 4.27 13.04 -4.62
CA LYS B 285 4.29 14.40 -4.11
C LYS B 285 4.83 14.47 -2.69
N LEU B 286 4.39 13.56 -1.82
CA LEU B 286 4.79 13.61 -0.42
C LEU B 286 6.29 13.64 -0.24
N GLY B 287 7.03 12.94 -1.12
CA GLY B 287 8.48 12.97 -1.05
C GLY B 287 9.09 14.31 -1.37
N LEU B 288 8.28 15.26 -1.85
CA LEU B 288 8.77 16.56 -2.29
C LEU B 288 8.39 17.70 -1.37
N VAL B 289 7.38 17.53 -0.52
CA VAL B 289 6.98 18.60 0.39
C VAL B 289 7.37 18.19 1.80
N PRO B 290 7.51 19.13 2.74
CA PRO B 290 7.76 18.73 4.13
C PRO B 290 6.62 17.86 4.64
N SER B 291 6.98 16.72 5.23
CA SER B 291 5.99 15.75 5.64
C SER B 291 6.44 15.09 6.94
N SER B 292 5.62 14.16 7.40
CA SER B 292 5.92 13.31 8.53
C SER B 292 5.48 11.88 8.23
N TYR B 293 5.62 11.46 6.98
CA TYR B 293 5.35 10.07 6.61
C TYR B 293 6.62 9.22 6.66
#